data_3EKZ
#
_entry.id   3EKZ
#
_cell.length_a   61.220
_cell.length_b   120.486
_cell.length_c   164.327
_cell.angle_alpha   90.00
_cell.angle_beta   90.00
_cell.angle_gamma   90.00
#
_symmetry.space_group_name_H-M   'I 2 2 2'
#
loop_
_entity.id
_entity.type
_entity.pdbx_description
1 polymer 'Fructose-bisphosphate aldolase'
2 non-polymer 1,3-DIHYDROXYACETONEPHOSPHATE
3 non-polymer SN-GLYCEROL-3-PHOSPHATE
4 non-polymer 'SODIUM ION'
5 non-polymer 'ZINC ION'
6 water water
#
_entity_poly.entity_id   1
_entity_poly.type   'polypeptide(L)'
_entity_poly.pdbx_seq_one_letter_code
;MPIATPEVYAEMLGQAKQNSYAFPAINCTSSETVNAAIKGFADAGSDGIIQFSTGGAEFGSGLGVKDMVTGAVALAEFTH
VIAAKYPVNVALHTDHCPKDKLDSYVRPLLAISAQRVSKGGNPLFQSHMWDGSAVPIDENLAIAQELLKAAAAAKIILEI
EIGVVGGEEDGVANEINEKLYTSPEDFEKTIEALGAGEHGKYLLAATFGNVHGVYKPGNVKLRPDILAQGQQVAAAKLGL
PADAKPFDFVFHGGSGSLKSEIEEALRYGVVKMNVDTDTQYAFTRPIAGHMFTNYDGVLKVDGEVGVKKVYDPRSYLKKA
EASMSQRVVQACNDLHCAGKSLTHHHHHH
;
_entity_poly.pdbx_strand_id   A
#
# COMPACT_ATOMS: atom_id res chain seq x y z
N PRO A 2 11.51 -0.10 -13.41
CA PRO A 2 10.34 -0.55 -14.09
C PRO A 2 9.16 -0.83 -13.17
N ILE A 3 8.01 -0.94 -13.77
CA ILE A 3 6.88 -1.56 -13.11
C ILE A 3 7.27 -3.01 -12.77
N ALA A 4 6.92 -3.45 -11.56
CA ALA A 4 7.13 -4.83 -11.15
C ALA A 4 6.30 -5.78 -12.02
N THR A 5 6.95 -6.72 -12.69
CA THR A 5 6.21 -7.82 -13.31
C THR A 5 5.63 -8.67 -12.14
N PRO A 6 4.59 -9.49 -12.40
CA PRO A 6 4.08 -10.38 -11.33
C PRO A 6 5.17 -11.26 -10.71
N GLU A 7 6.07 -11.78 -11.54
CA GLU A 7 7.17 -12.64 -11.09
C GLU A 7 8.13 -11.85 -10.18
N VAL A 8 8.50 -10.63 -10.56
N VAL A 8 8.49 -10.63 -10.60
CA VAL A 8 9.39 -9.87 -9.66
CA VAL A 8 9.32 -9.76 -9.78
C VAL A 8 8.70 -9.38 -8.37
C VAL A 8 8.67 -9.45 -8.42
N TYR A 9 7.39 -9.10 -8.46
CA TYR A 9 6.62 -8.74 -7.26
C TYR A 9 6.52 -9.91 -6.26
N ALA A 10 6.25 -11.11 -6.78
CA ALA A 10 6.28 -12.33 -5.95
C ALA A 10 7.67 -12.56 -5.35
N GLU A 11 8.73 -12.33 -6.13
CA GLU A 11 10.12 -12.45 -5.63
C GLU A 11 10.41 -11.40 -4.54
N MET A 12 9.95 -10.18 -4.76
CA MET A 12 10.09 -9.08 -3.79
C MET A 12 9.53 -9.50 -2.43
N LEU A 13 8.27 -9.95 -2.43
CA LEU A 13 7.57 -10.29 -1.21
C LEU A 13 8.20 -11.51 -0.53
N GLY A 14 8.59 -12.51 -1.34
CA GLY A 14 9.31 -13.70 -0.88
C GLY A 14 10.66 -13.36 -0.23
N GLN A 15 11.43 -12.47 -0.86
CA GLN A 15 12.69 -11.99 -0.27
C GLN A 15 12.54 -11.20 1.03
N ALA A 16 11.58 -10.27 1.04
CA ALA A 16 11.25 -9.49 2.23
C ALA A 16 10.90 -10.41 3.40
N LYS A 17 10.01 -11.37 3.16
CA LYS A 17 9.59 -12.32 4.20
C LYS A 17 10.75 -13.18 4.73
N GLN A 18 11.53 -13.70 3.81
CA GLN A 18 12.68 -14.58 4.14
C GLN A 18 13.72 -13.83 5.00
N ASN A 19 13.83 -12.52 4.77
CA ASN A 19 14.82 -11.68 5.42
C ASN A 19 14.26 -10.70 6.46
N SER A 20 13.00 -10.88 6.83
CA SER A 20 12.32 -10.06 7.85
C SER A 20 12.41 -8.55 7.58
N TYR A 21 12.22 -8.17 6.32
CA TYR A 21 12.01 -6.76 6.00
C TYR A 21 10.68 -6.58 5.27
N ALA A 22 10.32 -5.33 4.97
CA ALA A 22 9.03 -5.01 4.38
C ALA A 22 9.17 -3.84 3.41
N PHE A 23 8.12 -3.64 2.58
CA PHE A 23 8.07 -2.54 1.62
C PHE A 23 7.03 -1.53 2.07
N PRO A 24 7.32 -0.25 1.85
CA PRO A 24 6.31 0.76 2.08
C PRO A 24 5.29 0.69 0.94
N ALA A 25 4.03 0.85 1.30
CA ALA A 25 2.98 0.97 0.29
C ALA A 25 2.42 2.37 0.47
N ILE A 26 2.77 3.26 -0.46
CA ILE A 26 2.48 4.68 -0.31
C ILE A 26 1.19 5.04 -1.06
N ASN A 27 0.21 5.59 -0.35
CA ASN A 27 -1.02 6.07 -1.02
C ASN A 27 -0.72 7.32 -1.85
N CYS A 28 -1.07 7.28 -3.12
CA CYS A 28 -0.87 8.42 -4.02
C CYS A 28 -2.22 8.80 -4.64
N THR A 29 -2.30 10.02 -5.17
CA THR A 29 -3.57 10.62 -5.62
C THR A 29 -3.39 11.40 -6.93
N SER A 30 -2.17 11.42 -7.46
CA SER A 30 -1.83 12.39 -8.50
C SER A 30 -0.51 12.08 -9.17
N SER A 31 -0.24 12.77 -10.27
CA SER A 31 1.05 12.67 -10.91
C SER A 31 2.18 13.07 -9.93
N GLU A 32 1.98 14.14 -9.17
CA GLU A 32 3.04 14.65 -8.27
C GLU A 32 3.37 13.66 -7.14
N THR A 33 2.34 13.10 -6.53
CA THR A 33 2.53 12.16 -5.41
C THR A 33 3.09 10.84 -5.90
N VAL A 34 2.63 10.37 -7.06
CA VAL A 34 3.27 9.19 -7.69
C VAL A 34 4.76 9.46 -7.95
N ASN A 35 5.09 10.60 -8.56
CA ASN A 35 6.48 10.96 -8.82
C ASN A 35 7.32 11.01 -7.52
N ALA A 36 6.75 11.60 -6.47
CA ALA A 36 7.43 11.73 -5.18
C ALA A 36 7.71 10.36 -4.56
N ALA A 37 6.70 9.48 -4.60
CA ALA A 37 6.87 8.12 -4.06
C ALA A 37 7.95 7.32 -4.80
N ILE A 38 7.91 7.31 -6.13
CA ILE A 38 8.91 6.54 -6.88
C ILE A 38 10.32 7.09 -6.68
N LYS A 39 10.46 8.42 -6.66
CA LYS A 39 11.76 9.04 -6.43
C LYS A 39 12.27 8.66 -5.03
N GLY A 40 11.36 8.58 -4.06
CA GLY A 40 11.72 8.12 -2.71
C GLY A 40 12.26 6.69 -2.73
N PHE A 41 11.55 5.77 -3.40
CA PHE A 41 12.06 4.41 -3.55
C PHE A 41 13.44 4.40 -4.18
N ALA A 42 13.58 5.09 -5.31
CA ALA A 42 14.88 5.14 -6.01
C ALA A 42 16.00 5.72 -5.16
N ASP A 43 15.71 6.83 -4.47
CA ASP A 43 16.69 7.46 -3.57
C ASP A 43 17.17 6.51 -2.45
N ALA A 44 16.26 5.65 -1.99
CA ALA A 44 16.58 4.65 -0.98
C ALA A 44 17.16 3.36 -1.58
N GLY A 45 17.38 3.28 -2.89
CA GLY A 45 17.84 2.03 -3.54
C GLY A 45 16.89 0.87 -3.26
N SER A 46 15.59 1.16 -3.25
CA SER A 46 14.60 0.24 -2.73
C SER A 46 13.49 -0.03 -3.75
N ASP A 47 12.95 -1.25 -3.77
CA ASP A 47 11.69 -1.47 -4.47
C ASP A 47 10.53 -0.95 -3.61
N GLY A 48 9.33 -0.79 -4.20
CA GLY A 48 8.23 -0.24 -3.42
C GLY A 48 6.89 -0.39 -4.07
N ILE A 49 5.84 0.01 -3.34
CA ILE A 49 4.47 -0.16 -3.78
C ILE A 49 3.77 1.17 -3.78
N ILE A 50 3.04 1.44 -4.86
CA ILE A 50 2.20 2.62 -4.94
C ILE A 50 0.77 2.13 -4.89
N GLN A 51 -0.06 2.71 -4.02
CA GLN A 51 -1.45 2.27 -3.94
C GLN A 51 -2.43 3.41 -4.09
N PHE A 52 -3.60 3.09 -4.64
CA PHE A 52 -4.70 4.05 -4.77
C PHE A 52 -5.90 3.56 -3.98
N SER A 53 -6.35 4.38 -3.03
CA SER A 53 -7.59 4.13 -2.31
C SER A 53 -8.76 4.45 -3.24
N THR A 54 -9.96 4.05 -2.84
CA THR A 54 -11.17 4.42 -3.60
C THR A 54 -11.33 5.95 -3.75
N GLY A 55 -11.07 6.69 -2.66
CA GLY A 55 -11.17 8.16 -2.65
C GLY A 55 -10.03 8.80 -3.44
N GLY A 56 -8.84 8.20 -3.37
CA GLY A 56 -7.71 8.66 -4.16
C GLY A 56 -7.94 8.49 -5.65
N ALA A 57 -8.51 7.33 -6.04
CA ALA A 57 -8.87 7.06 -7.44
C ALA A 57 -9.97 8.01 -7.91
N GLU A 58 -11.02 8.17 -7.10
CA GLU A 58 -12.05 9.16 -7.45
C GLU A 58 -11.49 10.59 -7.64
N PHE A 59 -10.61 11.02 -6.71
CA PHE A 59 -9.94 12.31 -6.84
C PHE A 59 -9.09 12.37 -8.13
N GLY A 60 -8.35 11.30 -8.41
CA GLY A 60 -7.55 11.16 -9.62
C GLY A 60 -8.32 11.34 -10.93
N SER A 61 -9.60 11.00 -10.92
CA SER A 61 -10.44 11.07 -12.12
C SER A 61 -10.99 12.46 -12.36
N GLY A 62 -10.84 13.37 -11.38
CA GLY A 62 -11.28 14.77 -11.50
C GLY A 62 -12.72 14.95 -11.02
N LEU A 63 -13.03 16.18 -10.62
CA LEU A 63 -14.36 16.54 -10.11
C LEU A 63 -15.45 16.38 -11.15
N GLY A 64 -15.09 16.40 -12.43
CA GLY A 64 -16.07 16.24 -13.49
C GLY A 64 -16.36 14.79 -13.86
N VAL A 65 -15.61 13.83 -13.30
CA VAL A 65 -15.77 12.37 -13.58
C VAL A 65 -16.38 11.73 -12.30
N LYS A 66 -15.84 12.01 -11.14
CA LYS A 66 -15.46 11.11 -10.08
C LYS A 66 -15.83 9.62 -10.25
N ASP A 67 -14.97 8.90 -10.93
CA ASP A 67 -15.21 7.51 -11.19
C ASP A 67 -13.93 6.78 -10.79
N MET A 68 -14.07 5.84 -9.86
CA MET A 68 -12.95 5.08 -9.30
C MET A 68 -12.11 4.39 -10.34
N VAL A 69 -12.76 3.61 -11.23
CA VAL A 69 -12.00 2.85 -12.25
C VAL A 69 -11.21 3.82 -13.13
N THR A 70 -11.87 4.88 -13.60
CA THR A 70 -11.22 5.87 -14.47
C THR A 70 -9.96 6.44 -13.82
N GLY A 71 -10.10 6.91 -12.58
CA GLY A 71 -8.97 7.48 -11.82
C GLY A 71 -7.86 6.49 -11.59
N ALA A 72 -8.20 5.25 -11.19
CA ALA A 72 -7.18 4.21 -11.02
C ALA A 72 -6.47 3.87 -12.34
N VAL A 73 -7.21 3.69 -13.43
CA VAL A 73 -6.60 3.42 -14.74
C VAL A 73 -5.70 4.59 -15.22
N ALA A 74 -6.22 5.81 -15.14
CA ALA A 74 -5.47 7.00 -15.60
C ALA A 74 -4.14 7.16 -14.82
N LEU A 75 -4.22 7.05 -13.50
CA LEU A 75 -3.02 7.11 -12.66
C LEU A 75 -2.09 5.91 -12.87
N ALA A 76 -2.66 4.72 -13.11
CA ALA A 76 -1.83 3.53 -13.37
C ALA A 76 -1.08 3.68 -14.71
N GLU A 77 -1.75 4.20 -15.73
CA GLU A 77 -1.07 4.42 -17.04
C GLU A 77 0.02 5.48 -16.94
N PHE A 78 -0.26 6.57 -16.21
CA PHE A 78 0.77 7.55 -15.88
C PHE A 78 1.99 6.86 -15.25
N THR A 79 1.72 6.02 -14.25
CA THR A 79 2.79 5.40 -13.46
C THR A 79 3.61 4.42 -14.28
N HIS A 80 2.96 3.72 -15.21
CA HIS A 80 3.67 2.79 -16.08
C HIS A 80 4.75 3.50 -16.91
N VAL A 81 4.41 4.68 -17.43
CA VAL A 81 5.37 5.46 -18.22
C VAL A 81 6.50 5.95 -17.31
N ILE A 82 6.15 6.47 -16.13
CA ILE A 82 7.17 7.00 -15.22
C ILE A 82 8.15 5.92 -14.73
N ALA A 83 7.59 4.78 -14.32
CA ALA A 83 8.37 3.79 -13.57
C ALA A 83 9.40 3.11 -14.47
N ALA A 84 9.13 3.07 -15.77
CA ALA A 84 10.09 2.58 -16.78
C ALA A 84 11.43 3.34 -16.80
N LYS A 85 11.44 4.57 -16.27
CA LYS A 85 12.62 5.40 -16.24
C LYS A 85 13.41 5.28 -14.93
N TYR A 86 12.96 4.44 -14.00
CA TYR A 86 13.70 4.22 -12.75
C TYR A 86 14.28 2.80 -12.63
N PRO A 87 15.48 2.65 -12.00
CA PRO A 87 16.10 1.33 -11.84
C PRO A 87 15.69 0.60 -10.55
N VAL A 88 14.46 0.78 -10.09
CA VAL A 88 13.91 0.00 -9.01
C VAL A 88 12.57 -0.54 -9.50
N ASN A 89 12.03 -1.53 -8.80
CA ASN A 89 10.77 -2.13 -9.19
C ASN A 89 9.64 -1.48 -8.45
N VAL A 90 8.61 -1.07 -9.18
CA VAL A 90 7.45 -0.46 -8.50
C VAL A 90 6.15 -1.21 -8.78
N ALA A 91 5.49 -1.64 -7.70
CA ALA A 91 4.26 -2.38 -7.83
C ALA A 91 3.08 -1.45 -7.64
N LEU A 92 2.02 -1.69 -8.41
N LEU A 92 2.01 -1.72 -8.39
CA LEU A 92 0.77 -0.94 -8.29
CA LEU A 92 0.77 -0.98 -8.29
C LEU A 92 -0.29 -1.76 -7.56
C LEU A 92 -0.27 -1.78 -7.54
N HIS A 93 -0.98 -1.13 -6.63
CA HIS A 93 -1.92 -1.80 -5.74
C HIS A 93 -3.18 -0.93 -5.59
N THR A 94 -4.33 -1.53 -5.34
CA THR A 94 -5.49 -0.76 -4.91
C THR A 94 -5.78 -1.05 -3.43
N ASP A 95 -6.12 0.00 -2.68
CA ASP A 95 -6.32 -0.12 -1.24
C ASP A 95 -7.79 -0.45 -0.92
N HIS A 96 -8.13 -0.57 0.37
CA HIS A 96 -9.48 -0.98 0.90
C HIS A 96 -10.65 -0.88 -0.04
N CYS A 97 -11.20 -2.02 -0.42
CA CYS A 97 -12.44 -2.00 -1.18
C CYS A 97 -13.50 -2.86 -0.49
N PRO A 98 -14.53 -2.22 0.10
CA PRO A 98 -15.59 -2.98 0.79
C PRO A 98 -16.53 -3.62 -0.21
N LYS A 99 -17.48 -4.40 0.31
CA LYS A 99 -18.35 -5.24 -0.49
C LYS A 99 -19.14 -4.46 -1.55
N ASP A 100 -19.68 -3.30 -1.17
CA ASP A 100 -20.55 -2.55 -2.07
C ASP A 100 -19.80 -1.73 -3.12
N LYS A 101 -18.46 -1.78 -3.10
CA LYS A 101 -17.65 -1.13 -4.12
C LYS A 101 -16.88 -2.13 -5.00
N LEU A 102 -17.01 -3.43 -4.70
CA LEU A 102 -16.34 -4.48 -5.50
C LEU A 102 -16.72 -4.40 -6.99
N ASP A 103 -18.03 -4.19 -7.26
CA ASP A 103 -18.54 -4.14 -8.62
C ASP A 103 -18.09 -2.88 -9.39
N SER A 104 -17.68 -1.84 -8.67
CA SER A 104 -17.28 -0.59 -9.32
C SER A 104 -15.81 -0.23 -9.10
N TYR A 105 -15.01 -1.16 -8.58
CA TYR A 105 -13.61 -0.87 -8.42
C TYR A 105 -12.79 -2.12 -8.72
N VAL A 106 -12.68 -3.03 -7.75
CA VAL A 106 -11.81 -4.23 -7.89
C VAL A 106 -12.18 -5.15 -9.05
N ARG A 107 -13.46 -5.50 -9.18
CA ARG A 107 -13.89 -6.39 -10.25
C ARG A 107 -13.63 -5.87 -11.68
N PRO A 108 -14.04 -4.62 -11.98
CA PRO A 108 -13.67 -4.07 -13.29
C PRO A 108 -12.18 -3.95 -13.55
N LEU A 109 -11.39 -3.60 -12.53
CA LEU A 109 -9.94 -3.52 -12.72
C LEU A 109 -9.34 -4.90 -12.96
N LEU A 110 -9.86 -5.90 -12.24
CA LEU A 110 -9.46 -7.29 -12.48
C LEU A 110 -9.78 -7.74 -13.90
N ALA A 111 -10.98 -7.41 -14.38
CA ALA A 111 -11.37 -7.77 -15.74
C ALA A 111 -10.46 -7.10 -16.77
N ILE A 112 -10.04 -5.85 -16.52
CA ILE A 112 -9.08 -5.17 -17.40
C ILE A 112 -7.74 -5.93 -17.44
N SER A 113 -7.23 -6.33 -16.27
CA SER A 113 -6.00 -7.15 -16.23
C SER A 113 -6.14 -8.54 -16.85
N ALA A 114 -7.29 -9.19 -16.66
CA ALA A 114 -7.52 -10.51 -17.25
C ALA A 114 -7.46 -10.41 -18.78
N GLN A 115 -8.00 -9.35 -19.35
N GLN A 115 -8.01 -9.33 -19.32
CA GLN A 115 -7.95 -9.21 -20.80
CA GLN A 115 -7.99 -9.10 -20.76
C GLN A 115 -6.51 -8.95 -21.28
C GLN A 115 -6.55 -8.90 -21.28
N ARG A 116 -5.74 -8.13 -20.56
CA ARG A 116 -4.31 -7.93 -20.89
C ARG A 116 -3.54 -9.27 -20.88
N VAL A 117 -3.84 -10.09 -19.88
CA VAL A 117 -3.21 -11.40 -19.73
C VAL A 117 -3.43 -12.62 -20.71
N SER A 118 -4.62 -13.14 -21.00
CA SER A 118 -5.39 -13.03 -22.27
C SER A 118 -4.64 -12.73 -23.58
N LYS A 119 -4.10 -11.53 -23.73
CA LYS A 119 -3.38 -11.16 -24.93
C LYS A 119 -1.86 -11.35 -24.80
N GLY A 120 -1.42 -11.97 -23.71
CA GLY A 120 0.01 -12.26 -23.50
C GLY A 120 0.78 -11.17 -22.75
N GLY A 121 0.05 -10.21 -22.20
CA GLY A 121 0.66 -9.10 -21.47
C GLY A 121 0.58 -9.34 -19.97
N ASN A 122 1.02 -8.35 -19.21
CA ASN A 122 0.94 -8.40 -17.76
C ASN A 122 -0.21 -7.57 -17.23
N PRO A 123 -0.68 -7.85 -15.99
CA PRO A 123 -1.78 -7.08 -15.44
C PRO A 123 -1.41 -5.61 -15.22
N LEU A 124 -2.43 -4.75 -15.20
CA LEU A 124 -2.24 -3.32 -15.01
C LEU A 124 -1.80 -3.00 -13.56
N PHE A 125 -2.44 -3.66 -12.60
CA PHE A 125 -2.09 -3.60 -11.18
C PHE A 125 -1.51 -4.95 -10.80
N GLN A 126 -0.61 -4.97 -9.82
CA GLN A 126 0.02 -6.23 -9.42
C GLN A 126 -0.64 -6.84 -8.17
N SER A 127 -1.44 -6.03 -7.46
CA SER A 127 -2.30 -6.54 -6.36
C SER A 127 -3.52 -5.65 -6.16
N HIS A 128 -4.57 -6.24 -5.58
CA HIS A 128 -5.81 -5.53 -5.24
C HIS A 128 -6.22 -5.96 -3.83
N MET A 129 -6.78 -5.02 -3.08
CA MET A 129 -7.31 -5.32 -1.77
C MET A 129 -8.82 -5.50 -1.78
N TRP A 130 -9.23 -6.65 -1.24
CA TRP A 130 -10.59 -6.96 -0.81
C TRP A 130 -10.63 -6.70 0.71
N ASP A 131 -11.36 -5.67 1.12
CA ASP A 131 -11.56 -5.43 2.55
C ASP A 131 -12.94 -5.90 2.99
N GLY A 132 -13.01 -7.16 3.41
CA GLY A 132 -14.25 -7.76 3.90
C GLY A 132 -14.46 -7.73 5.41
N SER A 133 -13.65 -6.91 6.10
CA SER A 133 -13.68 -6.87 7.58
C SER A 133 -15.01 -6.43 8.20
N ALA A 134 -15.86 -5.76 7.41
CA ALA A 134 -17.15 -5.32 7.91
C ALA A 134 -18.24 -6.39 7.81
N VAL A 135 -17.95 -7.52 7.15
CA VAL A 135 -18.94 -8.61 7.04
C VAL A 135 -18.47 -9.82 7.88
N PRO A 136 -19.38 -10.78 8.18
CA PRO A 136 -18.91 -11.91 8.99
C PRO A 136 -17.76 -12.66 8.31
N ILE A 137 -16.88 -13.24 9.11
CA ILE A 137 -15.66 -13.86 8.59
C ILE A 137 -15.92 -14.90 7.47
N ASP A 138 -16.96 -15.72 7.61
CA ASP A 138 -17.21 -16.76 6.60
C ASP A 138 -17.57 -16.14 5.25
N GLU A 139 -18.33 -15.05 5.27
CA GLU A 139 -18.69 -14.34 4.02
C GLU A 139 -17.47 -13.63 3.46
N ASN A 140 -16.69 -12.97 4.32
CA ASN A 140 -15.44 -12.35 3.94
C ASN A 140 -14.58 -13.35 3.14
N LEU A 141 -14.40 -14.54 3.72
CA LEU A 141 -13.52 -15.58 3.18
C LEU A 141 -14.11 -16.34 1.97
N ALA A 142 -15.45 -16.36 1.85
CA ALA A 142 -16.10 -16.88 0.66
C ALA A 142 -15.80 -15.99 -0.55
N ILE A 143 -16.01 -14.70 -0.37
CA ILE A 143 -15.67 -13.69 -1.38
C ILE A 143 -14.16 -13.74 -1.69
N ALA A 144 -13.35 -13.79 -0.63
CA ALA A 144 -11.89 -13.88 -0.78
C ALA A 144 -11.46 -15.08 -1.66
N GLN A 145 -12.02 -16.25 -1.42
CA GLN A 145 -11.64 -17.47 -2.15
C GLN A 145 -11.91 -17.32 -3.65
N GLU A 146 -13.08 -16.77 -3.98
CA GLU A 146 -13.51 -16.54 -5.34
C GLU A 146 -12.60 -15.46 -6.01
N LEU A 147 -12.35 -14.36 -5.30
CA LEU A 147 -11.48 -13.31 -5.81
C LEU A 147 -10.03 -13.79 -5.99
N LEU A 148 -9.56 -14.64 -5.08
CA LEU A 148 -8.19 -15.17 -5.13
C LEU A 148 -7.97 -15.97 -6.43
N LYS A 149 -8.94 -16.81 -6.76
CA LYS A 149 -8.91 -17.56 -8.01
C LYS A 149 -8.84 -16.61 -9.23
N ALA A 150 -9.72 -15.61 -9.26
CA ALA A 150 -9.72 -14.63 -10.36
C ALA A 150 -8.40 -13.84 -10.42
N ALA A 151 -7.92 -13.38 -9.27
CA ALA A 151 -6.67 -12.61 -9.21
C ALA A 151 -5.47 -13.46 -9.65
N ALA A 152 -5.33 -14.66 -9.08
CA ALA A 152 -4.23 -15.55 -9.47
C ALA A 152 -4.23 -15.82 -10.99
N ALA A 153 -5.42 -16.06 -11.58
CA ALA A 153 -5.53 -16.27 -13.03
C ALA A 153 -5.07 -15.05 -13.87
N ALA A 154 -5.15 -13.86 -13.26
CA ALA A 154 -4.69 -12.61 -13.90
C ALA A 154 -3.27 -12.21 -13.46
N LYS A 155 -2.57 -13.10 -12.76
CA LYS A 155 -1.21 -12.86 -12.25
C LYS A 155 -1.15 -11.71 -11.21
N ILE A 156 -2.16 -11.67 -10.35
CA ILE A 156 -2.36 -10.57 -9.41
C ILE A 156 -2.42 -11.16 -7.99
N ILE A 157 -1.75 -10.50 -7.04
CA ILE A 157 -1.80 -10.93 -5.64
C ILE A 157 -3.02 -10.27 -4.96
N LEU A 158 -3.79 -11.02 -4.16
CA LEU A 158 -4.93 -10.46 -3.44
C LEU A 158 -4.51 -10.07 -2.01
N GLU A 159 -4.87 -8.87 -1.57
CA GLU A 159 -4.76 -8.55 -0.14
C GLU A 159 -6.16 -8.67 0.46
N ILE A 160 -6.25 -9.28 1.64
CA ILE A 160 -7.52 -9.36 2.36
C ILE A 160 -7.36 -8.77 3.77
N GLU A 161 -8.48 -8.54 4.46
CA GLU A 161 -8.42 -8.02 5.82
C GLU A 161 -9.34 -8.78 6.76
N ILE A 162 -8.81 -9.13 7.93
CA ILE A 162 -9.59 -9.68 9.03
C ILE A 162 -9.38 -8.78 10.25
N GLY A 163 -10.46 -8.25 10.81
CA GLY A 163 -10.37 -7.23 11.85
C GLY A 163 -10.44 -5.85 11.23
N VAL A 164 -10.90 -4.88 12.01
CA VAL A 164 -11.08 -3.52 11.53
C VAL A 164 -9.91 -2.63 11.96
N VAL A 165 -9.41 -1.85 11.01
CA VAL A 165 -8.40 -0.83 11.33
C VAL A 165 -9.17 0.36 11.87
N GLY A 166 -8.76 0.89 13.00
CA GLY A 166 -9.40 2.06 13.60
C GLY A 166 -9.15 3.34 12.80
N GLY A 167 -9.97 4.35 13.08
CA GLY A 167 -9.81 5.67 12.50
C GLY A 167 -9.99 6.68 13.61
N LYS A 179 -11.59 -6.40 19.03
CA LYS A 179 -12.27 -5.76 17.91
C LYS A 179 -11.25 -5.27 16.88
N LEU A 180 -10.10 -4.81 17.39
CA LEU A 180 -9.08 -4.17 16.56
C LEU A 180 -7.86 -4.95 16.02
N TYR A 181 -7.62 -6.26 16.18
CA TYR A 181 -7.71 -7.24 17.31
C TYR A 181 -8.26 -8.57 16.77
N THR A 182 -7.58 -9.05 15.71
CA THR A 182 -7.89 -10.30 15.00
C THR A 182 -7.82 -11.51 15.93
N SER A 183 -8.83 -12.38 15.83
CA SER A 183 -8.98 -13.55 16.73
C SER A 183 -8.30 -14.81 16.18
N PRO A 184 -7.90 -15.74 17.08
CA PRO A 184 -7.41 -17.07 16.68
C PRO A 184 -8.24 -17.82 15.63
N GLU A 185 -9.57 -17.85 15.80
N GLU A 185 -9.56 -17.90 15.77
CA GLU A 185 -10.52 -18.52 14.89
CA GLU A 185 -10.33 -18.67 14.78
C GLU A 185 -10.43 -17.98 13.47
C GLU A 185 -10.39 -17.99 13.41
N ASP A 186 -10.21 -16.68 13.36
CA ASP A 186 -10.15 -15.98 12.07
C ASP A 186 -8.86 -16.35 11.31
N PHE A 187 -7.75 -16.41 12.04
CA PHE A 187 -6.48 -16.93 11.49
C PHE A 187 -6.64 -18.37 10.96
N GLU A 188 -7.30 -19.23 11.73
N GLU A 188 -7.29 -19.21 11.76
CA GLU A 188 -7.45 -20.64 11.33
CA GLU A 188 -7.56 -20.63 11.46
C GLU A 188 -8.36 -20.79 10.13
C GLU A 188 -8.36 -20.76 10.17
N LYS A 189 -9.50 -20.08 10.14
CA LYS A 189 -10.42 -20.08 9.01
C LYS A 189 -9.73 -19.60 7.74
N THR A 190 -8.87 -18.58 7.86
CA THR A 190 -8.14 -18.05 6.71
C THR A 190 -7.27 -19.12 6.02
N ILE A 191 -6.44 -19.81 6.82
CA ILE A 191 -5.59 -20.87 6.28
C ILE A 191 -6.43 -22.01 5.68
N GLU A 192 -7.52 -22.36 6.34
CA GLU A 192 -8.43 -23.41 5.85
C GLU A 192 -9.06 -23.12 4.48
N ALA A 193 -9.54 -21.89 4.30
CA ALA A 193 -10.22 -21.47 3.10
C ALA A 193 -9.27 -21.21 1.92
N LEU A 194 -8.07 -20.73 2.21
CA LEU A 194 -7.20 -20.13 1.18
C LEU A 194 -5.87 -20.85 1.06
N GLY A 195 -5.56 -21.67 2.06
CA GLY A 195 -4.23 -22.30 2.17
C GLY A 195 -3.14 -21.27 2.49
N ALA A 196 -1.93 -21.55 2.03
CA ALA A 196 -0.76 -20.76 2.41
C ALA A 196 0.03 -20.32 1.19
N GLY A 197 -0.68 -20.06 0.10
CA GLY A 197 0.00 -19.61 -1.12
C GLY A 197 -0.07 -20.57 -2.29
N GLU A 198 -0.31 -21.87 -2.04
CA GLU A 198 -0.39 -22.90 -3.11
C GLU A 198 -1.54 -22.63 -4.06
N HIS A 199 -2.54 -21.88 -3.60
CA HIS A 199 -3.74 -21.59 -4.44
C HIS A 199 -3.70 -20.16 -4.96
N GLY A 200 -2.51 -19.58 -4.94
CA GLY A 200 -2.38 -18.15 -5.22
C GLY A 200 -1.92 -17.40 -3.98
N LYS A 201 -0.93 -16.53 -4.19
N LYS A 201 -0.93 -16.52 -4.19
CA LYS A 201 -0.41 -15.64 -3.16
CA LYS A 201 -0.37 -15.69 -3.12
C LYS A 201 -1.47 -14.66 -2.67
C LYS A 201 -1.37 -14.63 -2.67
N TYR A 202 -1.58 -14.53 -1.36
CA TYR A 202 -2.41 -13.48 -0.78
C TYR A 202 -1.61 -12.80 0.35
N LEU A 203 -2.01 -11.57 0.64
CA LEU A 203 -1.42 -10.78 1.71
C LEU A 203 -2.51 -10.61 2.73
N LEU A 204 -2.16 -10.73 4.00
CA LEU A 204 -3.17 -10.66 5.05
C LEU A 204 -3.00 -9.42 5.93
N ALA A 205 -3.97 -8.50 5.86
CA ALA A 205 -4.04 -7.38 6.79
C ALA A 205 -4.78 -7.87 8.03
N ALA A 206 -4.03 -8.48 8.95
CA ALA A 206 -4.58 -8.87 10.24
C ALA A 206 -4.42 -7.65 11.12
N THR A 207 -5.45 -7.27 11.84
CA THR A 207 -5.37 -6.08 12.67
C THR A 207 -4.93 -6.39 14.10
N PHE A 208 -4.14 -5.48 14.66
CA PHE A 208 -3.51 -5.70 15.96
C PHE A 208 -3.44 -4.40 16.77
N GLY A 209 -4.52 -3.61 16.71
CA GLY A 209 -4.55 -2.31 17.34
C GLY A 209 -4.12 -1.14 16.42
N ASN A 210 -3.88 -1.41 15.13
CA ASN A 210 -3.56 -0.36 14.13
C ASN A 210 -4.67 0.63 13.99
N VAL A 211 -4.27 1.89 13.73
CA VAL A 211 -5.21 2.97 13.55
C VAL A 211 -4.69 3.80 12.37
N HIS A 212 -5.56 4.09 11.43
CA HIS A 212 -5.27 5.05 10.34
C HIS A 212 -5.22 6.47 10.89
N GLY A 213 -4.18 7.22 10.55
CA GLY A 213 -4.06 8.63 10.99
C GLY A 213 -2.85 8.78 11.89
N VAL A 214 -2.56 10.01 12.30
CA VAL A 214 -1.54 10.19 13.32
C VAL A 214 -2.03 10.96 14.55
N TYR A 215 -1.73 10.38 15.70
CA TYR A 215 -2.17 10.87 17.00
C TYR A 215 -0.90 11.16 17.82
N LYS A 216 -1.03 11.80 18.97
CA LYS A 216 0.14 12.06 19.81
C LYS A 216 0.83 10.73 20.14
N PRO A 217 2.18 10.66 19.90
CA PRO A 217 3.00 9.42 19.98
C PRO A 217 2.64 8.42 21.10
N GLY A 218 2.02 8.91 22.17
CA GLY A 218 1.52 8.01 23.22
C GLY A 218 0.30 7.15 22.87
N ASN A 219 -0.57 7.65 22.00
CA ASN A 219 -2.00 7.24 22.00
C ASN A 219 -2.38 5.88 21.45
N VAL A 220 -1.78 5.52 20.31
CA VAL A 220 -2.11 4.26 19.65
CA VAL A 220 -2.10 4.26 19.63
C VAL A 220 -1.30 3.11 20.26
N LYS A 221 -2.01 2.11 20.75
CA LYS A 221 -1.35 0.97 21.42
C LYS A 221 -1.38 -0.29 20.58
N LEU A 222 -0.25 -0.60 19.96
CA LEU A 222 -0.17 -1.75 19.04
C LEU A 222 0.13 -3.04 19.81
N ARG A 223 -0.42 -4.15 19.32
CA ARG A 223 -0.18 -5.44 19.93
C ARG A 223 0.36 -6.45 18.91
N PRO A 224 1.63 -6.31 18.50
CA PRO A 224 2.24 -7.20 17.49
C PRO A 224 2.26 -8.69 17.84
N ASP A 225 2.21 -9.02 19.13
N ASP A 225 2.20 -9.03 19.13
CA ASP A 225 2.09 -10.42 19.57
CA ASP A 225 2.09 -10.42 19.58
C ASP A 225 0.89 -11.13 18.92
C ASP A 225 0.87 -11.13 18.97
N ILE A 226 -0.13 -10.37 18.54
CA ILE A 226 -1.30 -10.91 17.83
C ILE A 226 -0.84 -11.57 16.53
N LEU A 227 0.08 -10.89 15.83
CA LEU A 227 0.66 -11.45 14.61
C LEU A 227 1.49 -12.69 14.88
N ALA A 228 2.29 -12.65 15.95
CA ALA A 228 3.11 -13.80 16.34
C ALA A 228 2.23 -15.03 16.60
N GLN A 229 1.12 -14.84 17.30
N GLN A 229 1.11 -14.83 17.29
CA GLN A 229 0.23 -15.96 17.59
CA GLN A 229 0.23 -15.97 17.60
C GLN A 229 -0.52 -16.45 16.36
C GLN A 229 -0.59 -16.43 16.40
N GLY A 230 -0.83 -15.54 15.44
CA GLY A 230 -1.47 -15.90 14.16
C GLY A 230 -0.55 -16.81 13.34
N GLN A 231 0.73 -16.47 13.25
CA GLN A 231 1.75 -17.35 12.67
C GLN A 231 1.82 -18.74 13.33
N GLN A 232 1.76 -18.80 14.66
CA GLN A 232 1.79 -20.09 15.38
C GLN A 232 0.54 -20.93 15.15
N VAL A 233 -0.62 -20.28 15.15
CA VAL A 233 -1.92 -20.92 14.90
C VAL A 233 -1.92 -21.56 13.50
N ALA A 234 -1.43 -20.81 12.52
CA ALA A 234 -1.35 -21.28 11.12
C ALA A 234 -0.35 -22.42 10.97
N ALA A 235 0.84 -22.25 11.53
CA ALA A 235 1.89 -23.26 11.46
C ALA A 235 1.39 -24.58 12.07
N ALA A 236 0.63 -24.49 13.17
CA ALA A 236 0.03 -25.68 13.79
C ALA A 236 -1.00 -26.35 12.87
N LYS A 237 -1.89 -25.55 12.27
CA LYS A 237 -2.88 -26.06 11.31
C LYS A 237 -2.19 -26.79 10.15
N LEU A 238 -1.10 -26.21 9.66
CA LEU A 238 -0.36 -26.74 8.51
C LEU A 238 0.63 -27.85 8.88
N GLY A 239 0.70 -28.21 10.15
CA GLY A 239 1.68 -29.18 10.64
C GLY A 239 3.12 -28.76 10.35
N LEU A 240 3.41 -27.49 10.55
CA LEU A 240 4.74 -26.91 10.35
C LEU A 240 5.48 -26.70 11.68
N PRO A 241 6.83 -26.53 11.64
CA PRO A 241 7.55 -26.16 12.87
C PRO A 241 7.01 -24.83 13.45
N ALA A 242 7.07 -24.71 14.77
CA ALA A 242 6.37 -23.62 15.48
C ALA A 242 6.87 -22.22 15.16
N ASP A 243 8.06 -22.13 14.55
CA ASP A 243 8.63 -20.84 14.15
C ASP A 243 8.35 -20.43 12.69
N ALA A 244 7.62 -21.28 11.96
CA ALA A 244 7.23 -20.96 10.58
C ALA A 244 6.31 -19.75 10.53
N LYS A 245 6.41 -19.02 9.43
CA LYS A 245 5.60 -17.83 9.18
C LYS A 245 4.73 -18.00 7.91
N PRO A 246 3.62 -18.76 8.01
CA PRO A 246 2.80 -19.02 6.81
C PRO A 246 2.11 -17.79 6.20
N PHE A 247 1.85 -16.76 7.01
CA PHE A 247 1.21 -15.54 6.50
C PHE A 247 2.22 -14.48 6.07
N ASP A 248 1.88 -13.77 5.01
CA ASP A 248 2.55 -12.50 4.63
C ASP A 248 1.62 -11.39 5.14
N PHE A 249 2.03 -10.71 6.20
CA PHE A 249 1.18 -9.71 6.84
C PHE A 249 1.28 -8.31 6.24
N VAL A 250 0.18 -7.55 6.33
CA VAL A 250 0.17 -6.13 5.93
C VAL A 250 -0.13 -5.27 7.17
N PHE A 251 0.71 -4.26 7.40
CA PHE A 251 0.62 -3.35 8.55
C PHE A 251 -0.11 -2.08 8.04
N HIS A 252 -1.40 -1.98 8.33
CA HIS A 252 -2.17 -0.77 8.03
C HIS A 252 -1.98 0.31 9.12
N GLY A 253 -2.14 1.58 8.75
CA GLY A 253 -2.03 2.63 9.76
C GLY A 253 -0.59 2.88 10.15
N GLY A 254 0.33 2.74 9.21
CA GLY A 254 1.76 2.84 9.51
C GLY A 254 2.25 4.19 10.02
N SER A 255 1.63 5.28 9.54
CA SER A 255 2.05 6.64 9.93
C SER A 255 1.97 6.82 11.44
N GLY A 256 2.94 7.53 12.00
CA GLY A 256 2.95 7.83 13.43
C GLY A 256 3.41 6.69 14.34
N SER A 257 3.72 5.52 13.79
CA SER A 257 4.19 4.37 14.58
C SER A 257 5.60 4.60 15.15
N LEU A 258 5.89 4.02 16.30
CA LEU A 258 7.26 4.07 16.82
C LEU A 258 8.13 3.12 16.02
N LYS A 259 9.40 3.45 15.85
CA LYS A 259 10.37 2.53 15.24
C LYS A 259 10.35 1.13 15.86
N SER A 260 10.30 1.07 17.19
CA SER A 260 10.28 -0.23 17.90
C SER A 260 9.06 -1.09 17.57
N GLU A 261 7.93 -0.44 17.31
CA GLU A 261 6.70 -1.14 16.92
C GLU A 261 6.85 -1.69 15.50
N ILE A 262 7.43 -0.88 14.61
CA ILE A 262 7.72 -1.33 13.25
C ILE A 262 8.67 -2.53 13.26
N GLU A 263 9.77 -2.42 14.02
CA GLU A 263 10.75 -3.53 14.15
C GLU A 263 10.13 -4.83 14.63
N GLU A 264 9.29 -4.73 15.66
CA GLU A 264 8.64 -5.93 16.21
C GLU A 264 7.70 -6.60 15.20
N ALA A 265 6.93 -5.79 14.47
CA ALA A 265 6.03 -6.29 13.43
C ALA A 265 6.76 -7.03 12.28
N LEU A 266 7.89 -6.49 11.84
CA LEU A 266 8.80 -7.12 10.88
C LEU A 266 9.25 -8.52 11.32
N ARG A 267 9.46 -8.70 12.62
CA ARG A 267 9.87 -10.01 13.11
C ARG A 267 8.79 -11.08 12.90
N TYR A 268 7.53 -10.64 12.82
CA TYR A 268 6.41 -11.60 12.72
C TYR A 268 5.81 -11.78 11.32
N GLY A 269 6.51 -11.31 10.28
CA GLY A 269 6.12 -11.61 8.91
C GLY A 269 5.37 -10.50 8.17
N VAL A 270 5.38 -9.29 8.72
CA VAL A 270 4.93 -8.11 7.97
C VAL A 270 5.87 -7.87 6.79
N VAL A 271 5.29 -7.83 5.59
CA VAL A 271 6.06 -7.62 4.32
C VAL A 271 5.64 -6.30 3.63
N LYS A 272 4.61 -5.66 4.16
CA LYS A 272 4.04 -4.46 3.54
C LYS A 272 3.46 -3.57 4.63
N MET A 273 3.98 -2.35 4.72
CA MET A 273 3.40 -1.35 5.64
C MET A 273 2.83 -0.17 4.87
N ASN A 274 1.55 0.08 5.11
CA ASN A 274 0.83 1.14 4.43
C ASN A 274 1.14 2.47 5.10
N VAL A 275 1.53 3.46 4.29
CA VAL A 275 1.63 4.83 4.82
C VAL A 275 0.98 5.87 3.91
N ASP A 276 0.17 6.73 4.55
CA ASP A 276 -0.56 7.78 3.85
C ASP A 276 -0.43 9.10 4.63
N THR A 277 -0.90 9.10 5.88
CA THR A 277 -0.98 10.36 6.65
C THR A 277 0.38 11.09 6.73
N ASP A 278 1.46 10.34 6.99
CA ASP A 278 2.76 10.98 7.16
C ASP A 278 3.29 11.55 5.84
N THR A 279 3.04 10.87 4.72
CA THR A 279 3.49 11.40 3.44
C THR A 279 2.59 12.58 2.99
N GLN A 280 1.33 12.59 3.45
CA GLN A 280 0.45 13.78 3.29
C GLN A 280 1.04 14.99 3.99
N TYR A 281 1.43 14.82 5.27
CA TYR A 281 1.99 15.94 6.00
C TYR A 281 3.27 16.44 5.30
N ALA A 282 4.12 15.51 4.86
CA ALA A 282 5.39 15.82 4.22
C ALA A 282 5.19 16.60 2.92
N PHE A 283 4.16 16.21 2.17
CA PHE A 283 3.83 16.88 0.89
C PHE A 283 3.35 18.31 1.15
N THR A 284 2.42 18.45 2.09
CA THR A 284 1.74 19.72 2.35
C THR A 284 2.65 20.74 3.03
N ARG A 285 3.51 20.25 3.93
CA ARG A 285 4.30 21.10 4.80
C ARG A 285 5.08 22.25 4.07
N PRO A 286 5.86 21.94 3.00
CA PRO A 286 6.50 23.10 2.34
C PRO A 286 5.57 23.94 1.46
N ILE A 287 4.38 23.43 1.10
CA ILE A 287 3.39 24.23 0.37
C ILE A 287 2.88 25.30 1.33
N ALA A 288 2.54 24.89 2.55
CA ALA A 288 2.19 25.80 3.62
C ALA A 288 3.25 26.87 3.79
N GLY A 289 4.50 26.45 4.00
CA GLY A 289 5.60 27.40 4.17
C GLY A 289 5.76 28.38 2.99
N HIS A 290 5.60 27.86 1.78
CA HIS A 290 5.69 28.66 0.54
C HIS A 290 4.63 29.77 0.52
N MET A 291 3.39 29.45 0.88
CA MET A 291 2.30 30.43 0.84
C MET A 291 2.53 31.57 1.86
N PHE A 292 2.97 31.23 3.07
CA PHE A 292 3.27 32.23 4.13
C PHE A 292 4.42 33.13 3.72
N THR A 293 5.56 32.55 3.36
CA THR A 293 6.72 33.39 3.05
C THR A 293 6.50 34.22 1.80
N ASN A 294 5.70 33.72 0.85
CA ASN A 294 5.38 34.43 -0.40
C ASN A 294 3.95 34.98 -0.45
N TYR A 295 3.38 35.35 0.71
CA TYR A 295 1.97 35.77 0.84
C TYR A 295 1.59 36.88 -0.15
N ASP A 296 2.51 37.82 -0.39
CA ASP A 296 2.23 38.97 -1.25
C ASP A 296 2.61 38.73 -2.71
N GLY A 297 3.04 37.50 -3.01
CA GLY A 297 3.30 37.00 -4.36
C GLY A 297 2.18 36.06 -4.80
N VAL A 298 1.65 35.26 -3.86
CA VAL A 298 0.56 34.33 -4.19
C VAL A 298 -0.82 34.97 -4.07
N LEU A 299 -0.88 36.14 -3.42
CA LEU A 299 -2.10 36.94 -3.35
C LEU A 299 -1.83 38.24 -4.10
N LYS A 300 -2.86 38.72 -4.81
CA LYS A 300 -2.85 40.05 -5.39
C LYS A 300 -3.28 41.06 -4.31
N VAL A 301 -2.32 41.77 -3.74
N VAL A 301 -2.32 41.80 -3.78
CA VAL A 301 -2.55 42.59 -2.54
CA VAL A 301 -2.53 42.59 -2.55
C VAL A 301 -2.32 44.07 -2.82
C VAL A 301 -2.31 44.07 -2.82
N ASP A 302 -3.18 44.91 -2.25
CA ASP A 302 -3.04 46.38 -2.26
C ASP A 302 -2.92 46.94 -3.69
N GLY A 303 -3.68 46.34 -4.61
CA GLY A 303 -3.72 46.77 -6.02
C GLY A 303 -2.58 46.22 -6.88
N GLU A 304 -1.73 45.38 -6.31
CA GLU A 304 -0.65 44.72 -7.07
C GLU A 304 -1.17 43.42 -7.72
N VAL A 305 -0.32 42.86 -8.56
CA VAL A 305 -0.70 41.81 -9.50
C VAL A 305 -0.09 40.44 -9.10
N GLY A 306 0.44 40.35 -7.88
CA GLY A 306 1.06 39.09 -7.44
C GLY A 306 2.37 38.87 -8.20
N VAL A 307 2.97 37.70 -7.99
CA VAL A 307 4.30 37.37 -8.56
C VAL A 307 4.20 35.98 -9.17
N LYS A 308 4.17 35.93 -10.50
CA LYS A 308 3.97 34.67 -11.23
C LYS A 308 4.93 33.57 -10.80
N LYS A 309 6.21 33.92 -10.62
CA LYS A 309 7.22 32.93 -10.26
C LYS A 309 6.90 32.15 -8.98
N VAL A 310 6.12 32.75 -8.06
CA VAL A 310 5.70 32.03 -6.84
C VAL A 310 4.25 31.53 -6.84
N TYR A 311 3.42 32.03 -7.76
CA TYR A 311 2.11 31.40 -7.91
C TYR A 311 1.98 30.34 -9.01
N ASP A 312 3.03 30.21 -9.83
CA ASP A 312 3.23 29.04 -10.68
C ASP A 312 3.15 27.80 -9.76
N PRO A 313 2.16 26.89 -9.97
CA PRO A 313 2.00 25.73 -9.07
C PRO A 313 3.28 24.91 -8.94
N ARG A 314 4.12 24.87 -9.99
CA ARG A 314 5.35 24.07 -9.94
C ARG A 314 6.33 24.57 -8.87
N SER A 315 6.30 25.88 -8.58
CA SER A 315 7.22 26.47 -7.62
C SER A 315 7.09 25.81 -6.23
N TYR A 316 5.87 25.64 -5.75
CA TYR A 316 5.70 24.96 -4.47
C TYR A 316 5.53 23.44 -4.59
N LEU A 317 5.00 22.95 -5.72
CA LEU A 317 4.79 21.50 -5.83
C LEU A 317 6.08 20.71 -6.05
N LYS A 318 7.12 21.34 -6.58
CA LYS A 318 8.45 20.70 -6.60
C LYS A 318 8.98 20.51 -5.17
N LYS A 319 8.76 21.50 -4.32
CA LYS A 319 9.14 21.41 -2.90
C LYS A 319 8.31 20.34 -2.18
N ALA A 320 7.00 20.30 -2.44
CA ALA A 320 6.11 19.24 -1.92
C ALA A 320 6.61 17.83 -2.31
N GLU A 321 6.91 17.64 -3.59
CA GLU A 321 7.43 16.38 -4.11
C GLU A 321 8.72 15.95 -3.39
N ALA A 322 9.71 16.84 -3.33
CA ALA A 322 11.00 16.48 -2.71
C ALA A 322 10.82 16.08 -1.22
N SER A 323 9.95 16.81 -0.53
CA SER A 323 9.67 16.58 0.89
C SER A 323 8.97 15.24 1.10
N MET A 324 7.93 14.96 0.30
CA MET A 324 7.29 13.64 0.34
C MET A 324 8.32 12.51 -0.03
N SER A 325 9.17 12.74 -1.02
CA SER A 325 10.22 11.75 -1.33
C SER A 325 11.12 11.45 -0.13
N GLN A 326 11.51 12.50 0.61
CA GLN A 326 12.36 12.30 1.80
C GLN A 326 11.66 11.41 2.85
N ARG A 327 10.37 11.62 3.07
CA ARG A 327 9.60 10.81 4.01
C ARG A 327 9.48 9.34 3.53
N VAL A 328 9.38 9.15 2.23
CA VAL A 328 9.41 7.80 1.65
C VAL A 328 10.79 7.13 1.83
N VAL A 329 11.89 7.86 1.64
CA VAL A 329 13.17 7.23 2.04
C VAL A 329 13.24 6.82 3.54
N GLN A 330 12.73 7.68 4.43
CA GLN A 330 12.64 7.33 5.85
C GLN A 330 11.88 6.01 6.04
N ALA A 331 10.72 5.85 5.36
CA ALA A 331 9.95 4.58 5.42
C ALA A 331 10.75 3.36 4.92
N CYS A 332 11.55 3.53 3.87
CA CYS A 332 12.41 2.44 3.35
C CYS A 332 13.49 2.05 4.36
N ASN A 333 14.04 3.04 5.07
CA ASN A 333 14.98 2.77 6.14
C ASN A 333 14.33 2.09 7.36
N ASP A 334 13.17 2.59 7.76
CA ASP A 334 12.42 2.07 8.92
C ASP A 334 12.03 0.61 8.70
N LEU A 335 11.76 0.27 7.44
CA LEU A 335 11.28 -1.05 7.05
C LEU A 335 12.39 -1.97 6.58
N HIS A 336 13.62 -1.44 6.52
CA HIS A 336 14.83 -2.20 6.15
C HIS A 336 14.84 -2.77 4.72
N CYS A 337 14.14 -2.12 3.81
CA CYS A 337 14.17 -2.50 2.37
C CYS A 337 15.10 -1.54 1.60
N ALA A 338 15.53 -0.44 2.25
CA ALA A 338 16.48 0.48 1.63
C ALA A 338 17.75 -0.29 1.28
N GLY A 339 18.30 -0.01 0.11
CA GLY A 339 19.51 -0.67 -0.37
C GLY A 339 19.31 -2.11 -0.86
N LYS A 340 18.07 -2.57 -0.97
CA LYS A 340 17.80 -4.00 -1.27
C LYS A 340 17.00 -4.27 -2.57
N SER A 341 16.83 -3.24 -3.41
CA SER A 341 16.12 -3.42 -4.68
C SER A 341 16.64 -4.64 -5.44
N LEU A 342 15.71 -5.43 -5.98
CA LEU A 342 16.06 -6.67 -6.67
C LEU A 342 16.74 -6.44 -8.01
N THR A 343 16.85 -5.18 -8.42
CA THR A 343 17.62 -4.81 -9.62
C THR A 343 19.12 -4.73 -9.31
N HIS A 344 19.50 -4.64 -8.02
CA HIS A 344 20.93 -4.60 -7.61
C HIS A 344 21.77 -3.49 -8.29
N HIS A 345 21.15 -2.34 -8.48
CA HIS A 345 21.82 -1.08 -8.83
C HIS A 345 22.39 -0.43 -7.58
N HIS A 346 23.69 -0.57 -7.36
CA HIS A 346 24.26 -0.08 -6.12
C HIS A 346 25.12 1.17 -6.33
#